data_5GPG
#
_entry.id   5GPG
#
_cell.length_a   46.038
_cell.length_b   58.352
_cell.length_c   86.502
_cell.angle_alpha   90.00
_cell.angle_beta   90.00
_cell.angle_gamma   90.00
#
_symmetry.space_group_name_H-M   'P 21 21 21'
#
loop_
_entity.id
_entity.type
_entity.pdbx_description
1 polymer 'Peptidyl-prolyl cis-trans isomerase FKBP3'
2 polymer 'Serine/threonine-protein kinase mTOR'
3 non-polymer 'RAPAMYCIN IMMUNOSUPPRESSANT DRUG'
4 water water
#
loop_
_entity_poly.entity_id
_entity_poly.type
_entity_poly.pdbx_seq_one_letter_code
_entity_poly.pdbx_strand_id
1 'polypeptide(L)'
;SPKYTKSVLKKGDKTNFPKKGDVVHCWYTGTLQDGTVFDTNIQTSAKKKKNAKPLSFKVGVGKVIRGWDEALLTMSKGEK
ARLEIEPEWAYGKKGQPDAKIPPNAKLTFEVELVDID
;
A
2 'polypeptide(L)'
;SILWHEMWHEGLEEASRLYFGERNVKGMFEVLEPLHAMMERGPQTLKETSFNQAYGRDLMEAQEW(CAS)RKYMKSGNVK
DLTQAWDLYYHVFRRIS
;
B
#
# COMPACT_ATOMS: atom_id res chain seq x y z
N SER A 1 10.69 9.56 -23.28
CA SER A 1 9.33 9.04 -23.31
C SER A 1 8.84 8.44 -21.98
N PRO A 2 9.70 8.40 -20.94
CA PRO A 2 9.09 8.18 -19.62
C PRO A 2 8.06 9.25 -19.32
N LYS A 3 7.01 8.91 -18.58
CA LYS A 3 5.99 9.89 -18.20
C LYS A 3 6.11 10.29 -16.74
N TYR A 4 7.36 10.44 -16.30
CA TYR A 4 7.67 11.07 -15.02
C TYR A 4 8.99 11.81 -15.18
N THR A 5 9.25 12.75 -14.29
CA THR A 5 10.57 13.34 -14.17
C THR A 5 11.07 13.13 -12.74
N LYS A 6 12.39 12.97 -12.59
CA LYS A 6 13.00 12.79 -11.28
C LYS A 6 14.06 13.83 -11.01
N SER A 7 13.99 14.42 -9.82
CA SER A 7 15.03 15.31 -9.32
C SER A 7 15.65 14.68 -8.09
N VAL A 8 16.97 14.53 -8.08
CA VAL A 8 17.66 13.95 -6.92
C VAL A 8 17.87 15.00 -5.83
N LEU A 9 17.35 14.73 -4.64
CA LEU A 9 17.50 15.64 -3.50
C LEU A 9 18.72 15.24 -2.65
N LYS A 10 18.89 13.93 -2.46
CA LYS A 10 20.11 13.40 -1.84
C LYS A 10 20.58 12.17 -2.60
N LYS A 11 21.88 12.12 -2.90
CA LYS A 11 22.40 11.02 -3.67
C LYS A 11 22.43 9.72 -2.86
N GLY A 12 22.20 8.62 -3.56
CA GLY A 12 22.36 7.29 -2.99
C GLY A 12 23.80 6.84 -3.12
N ASP A 13 24.02 5.52 -3.01
CA ASP A 13 25.40 5.01 -3.05
C ASP A 13 25.93 4.82 -4.47
N LYS A 14 25.09 5.11 -5.46
CA LYS A 14 25.48 5.07 -6.88
C LYS A 14 25.94 3.69 -7.33
N THR A 15 25.62 2.68 -6.54
CA THR A 15 26.10 1.33 -6.78
C THR A 15 24.99 0.31 -6.82
N ASN A 16 24.08 0.40 -5.85
CA ASN A 16 23.04 -0.60 -5.69
C ASN A 16 21.68 -0.08 -6.12
N PHE A 17 21.21 -0.59 -7.27
CA PHE A 17 19.95 -0.18 -7.86
C PHE A 17 18.98 -1.34 -7.82
N PRO A 18 17.70 -1.06 -7.54
CA PRO A 18 16.71 -2.15 -7.58
C PRO A 18 16.62 -2.76 -8.98
N LYS A 19 16.41 -4.08 -9.02
CA LYS A 19 16.17 -4.79 -10.27
C LYS A 19 14.76 -5.33 -10.26
N LYS A 20 14.22 -5.62 -11.44
CA LYS A 20 12.89 -6.23 -11.54
C LYS A 20 12.78 -7.42 -10.59
N GLY A 21 11.75 -7.42 -9.75
CA GLY A 21 11.55 -8.52 -8.82
C GLY A 21 12.14 -8.32 -7.43
N ASP A 22 13.00 -7.33 -7.26
CA ASP A 22 13.54 -7.02 -5.93
C ASP A 22 12.47 -6.43 -5.03
N VAL A 23 12.58 -6.67 -3.74
CA VAL A 23 11.74 -5.95 -2.79
C VAL A 23 12.46 -4.69 -2.32
N VAL A 24 11.81 -3.55 -2.48
CA VAL A 24 12.37 -2.29 -2.04
C VAL A 24 11.61 -1.77 -0.82
N HIS A 25 12.27 -0.91 -0.06
CA HIS A 25 11.68 -0.31 1.13
C HIS A 25 11.83 1.22 1.04
N CYS A 26 10.73 1.94 1.16
CA CYS A 26 10.71 3.37 0.91
C CYS A 26 9.98 4.20 1.95
N TRP A 27 10.49 5.41 2.19
CA TRP A 27 9.74 6.46 2.87
C TRP A 27 9.20 7.40 1.79
N TYR A 28 7.98 7.90 1.95
CA TYR A 28 7.47 8.85 0.96
C TYR A 28 6.50 9.89 1.50
N THR A 29 6.40 10.98 0.75
CA THR A 29 5.40 12.01 0.97
C THR A 29 4.82 12.37 -0.39
N GLY A 30 3.49 12.29 -0.52
CA GLY A 30 2.84 12.59 -1.79
C GLY A 30 2.04 13.87 -1.71
N THR A 31 2.25 14.73 -2.70
CA THR A 31 1.57 16.03 -2.74
C THR A 31 0.89 16.32 -4.08
N LEU A 32 -0.19 17.10 -4.00
CA LEU A 32 -0.85 17.65 -5.18
C LEU A 32 -0.18 18.95 -5.60
N GLN A 33 -0.62 19.49 -6.74
CA GLN A 33 -0.07 20.74 -7.28
C GLN A 33 0.03 21.85 -6.23
N ASP A 34 -0.99 22.00 -5.39
CA ASP A 34 -1.03 23.12 -4.43
C ASP A 34 -0.29 22.79 -3.14
N GLY A 35 0.39 21.65 -3.12
CA GLY A 35 1.17 21.26 -1.97
C GLY A 35 0.39 20.49 -0.92
N THR A 36 -0.89 20.22 -1.21
CA THR A 36 -1.68 19.38 -0.32
C THR A 36 -1.02 18.01 -0.19
N VAL A 37 -0.70 17.61 1.04
CA VAL A 37 -0.13 16.29 1.28
C VAL A 37 -1.23 15.25 1.33
N PHE A 38 -1.36 14.43 0.29
CA PHE A 38 -2.45 13.46 0.29
C PHE A 38 -2.07 12.19 1.07
N ASP A 39 -0.77 11.97 1.29
CA ASP A 39 -0.33 10.86 2.12
C ASP A 39 1.16 10.95 2.43
N THR A 40 1.54 10.47 3.61
CA THR A 40 2.94 10.24 3.93
C THR A 40 3.01 9.02 4.85
N ASN A 41 4.06 8.23 4.73
CA ASN A 41 4.20 7.10 5.65
C ASN A 41 5.27 7.40 6.68
N ILE A 42 5.71 8.65 6.68
CA ILE A 42 6.64 9.15 7.68
C ILE A 42 5.86 9.57 8.93
N GLN A 43 6.28 9.07 10.10
CA GLN A 43 5.58 9.35 11.35
C GLN A 43 5.39 10.85 11.56
N ASN A 51 5.01 3.75 15.30
CA ASN A 51 4.37 2.65 14.59
C ASN A 51 4.74 2.64 13.10
N ALA A 52 5.27 3.76 12.62
CA ALA A 52 5.57 3.91 11.20
C ALA A 52 6.70 2.99 10.74
N LYS A 53 6.59 2.49 9.52
CA LYS A 53 7.67 1.74 8.91
C LYS A 53 7.64 1.90 7.38
N PRO A 54 8.78 1.66 6.72
CA PRO A 54 8.85 1.87 5.28
C PRO A 54 7.82 1.04 4.51
N LEU A 55 7.36 1.59 3.41
CA LEU A 55 6.58 0.84 2.43
C LEU A 55 7.47 -0.18 1.75
N SER A 56 7.04 -1.43 1.67
CA SER A 56 7.79 -2.44 0.93
C SER A 56 6.96 -3.07 -0.15
N PHE A 57 7.60 -3.36 -1.29
CA PHE A 57 6.90 -4.01 -2.40
C PHE A 57 7.91 -4.55 -3.38
N LYS A 58 7.46 -5.51 -4.18
CA LYS A 58 8.28 -6.10 -5.22
C LYS A 58 8.20 -5.19 -6.44
N VAL A 59 9.35 -4.74 -6.93
CA VAL A 59 9.38 -3.74 -7.99
C VAL A 59 9.26 -4.36 -9.39
N GLY A 60 8.60 -3.62 -10.28
CA GLY A 60 8.51 -3.99 -11.67
C GLY A 60 7.44 -5.01 -12.04
N VAL A 61 6.47 -5.21 -11.15
CA VAL A 61 5.42 -6.20 -11.42
C VAL A 61 4.02 -5.64 -11.18
N GLY A 62 3.90 -4.32 -11.13
CA GLY A 62 2.58 -3.70 -11.06
C GLY A 62 1.97 -3.62 -9.67
N LYS A 63 2.80 -3.70 -8.64
CA LYS A 63 2.32 -3.56 -7.27
C LYS A 63 1.96 -2.10 -6.96
N VAL A 64 2.63 -1.20 -7.68
CA VAL A 64 2.45 0.23 -7.48
C VAL A 64 2.25 0.91 -8.83
N ILE A 65 1.86 2.18 -8.80
CA ILE A 65 1.64 2.92 -10.04
C ILE A 65 2.90 2.94 -10.89
N ARG A 66 2.70 3.08 -12.20
CA ARG A 66 3.78 2.93 -13.17
C ARG A 66 4.94 3.88 -12.93
N GLY A 67 4.65 5.13 -12.57
CA GLY A 67 5.69 6.10 -12.27
C GLY A 67 6.65 5.64 -11.19
N TRP A 68 6.13 5.00 -10.15
CA TRP A 68 7.00 4.44 -9.10
C TRP A 68 7.76 3.23 -9.60
N ASP A 69 7.05 2.35 -10.28
CA ASP A 69 7.62 1.09 -10.74
C ASP A 69 8.81 1.35 -11.66
N GLU A 70 8.71 2.39 -12.48
CA GLU A 70 9.79 2.71 -13.41
C GLU A 70 10.90 3.52 -12.72
N ALA A 71 10.51 4.50 -11.91
CA ALA A 71 11.48 5.40 -11.30
C ALA A 71 12.42 4.69 -10.34
N LEU A 72 11.90 3.72 -9.60
CA LEU A 72 12.70 3.02 -8.61
C LEU A 72 13.90 2.29 -9.22
N LEU A 73 13.76 1.82 -10.46
CA LEU A 73 14.87 1.14 -11.10
C LEU A 73 16.05 2.09 -11.36
N THR A 74 15.80 3.39 -11.32
CA THR A 74 16.84 4.39 -11.57
C THR A 74 17.45 4.99 -10.30
N MET A 75 17.00 4.54 -9.13
CA MET A 75 17.47 5.10 -7.87
C MET A 75 18.48 4.16 -7.23
N SER A 76 19.55 4.70 -6.65
CA SER A 76 20.46 3.85 -5.88
C SER A 76 20.08 3.90 -4.41
N LYS A 77 20.50 2.89 -3.68
CA LYS A 77 20.14 2.78 -2.26
C LYS A 77 20.59 4.02 -1.48
N GLY A 78 19.64 4.60 -0.76
CA GLY A 78 19.87 5.80 0.02
C GLY A 78 19.43 7.07 -0.68
N GLU A 79 19.09 6.94 -1.95
CA GLU A 79 18.70 8.10 -2.74
C GLU A 79 17.37 8.66 -2.27
N LYS A 80 17.30 9.98 -2.16
CA LYS A 80 16.02 10.67 -1.97
C LYS A 80 15.78 11.52 -3.21
N ALA A 81 14.60 11.36 -3.81
CA ALA A 81 14.32 12.02 -5.07
C ALA A 81 12.91 12.57 -5.06
N ARG A 82 12.70 13.63 -5.85
CA ARG A 82 11.35 14.12 -6.09
C ARG A 82 10.88 13.61 -7.44
N LEU A 83 9.73 12.93 -7.45
CA LEU A 83 9.17 12.39 -8.67
C LEU A 83 7.95 13.21 -9.03
N GLU A 84 7.85 13.61 -10.28
CA GLU A 84 6.65 14.27 -10.78
C GLU A 84 6.06 13.32 -11.80
N ILE A 85 4.90 12.75 -11.48
CA ILE A 85 4.36 11.68 -12.30
C ILE A 85 3.11 12.12 -13.05
N GLU A 86 3.13 11.98 -14.37
CA GLU A 86 1.99 12.33 -15.20
C GLU A 86 0.83 11.41 -14.89
N PRO A 87 -0.40 11.91 -15.06
CA PRO A 87 -1.56 11.07 -14.70
C PRO A 87 -1.60 9.73 -15.41
N GLU A 88 -1.10 9.64 -16.65
CA GLU A 88 -1.15 8.36 -17.35
C GLU A 88 -0.32 7.27 -16.66
N TRP A 89 0.66 7.67 -15.86
CA TRP A 89 1.47 6.71 -15.09
C TRP A 89 1.17 6.78 -13.60
N ALA A 90 0.03 7.36 -13.27
CA ALA A 90 -0.46 7.38 -11.90
C ALA A 90 -1.89 6.83 -11.89
N TYR A 91 -2.88 7.67 -11.61
CA TYR A 91 -4.24 7.15 -11.49
C TYR A 91 -5.17 7.55 -12.64
N GLY A 92 -4.60 8.23 -13.63
CA GLY A 92 -5.29 8.48 -14.88
C GLY A 92 -6.62 9.21 -14.76
N LYS A 93 -7.57 8.85 -15.62
CA LYS A 93 -8.85 9.55 -15.72
C LYS A 93 -9.70 9.41 -14.46
N LYS A 94 -9.68 8.24 -13.85
CA LYS A 94 -10.50 8.00 -12.68
C LYS A 94 -9.98 8.71 -11.44
N GLY A 95 -8.66 8.84 -11.34
CA GLY A 95 -8.06 9.34 -10.12
C GLY A 95 -8.26 8.34 -8.99
N GLN A 96 -8.20 8.84 -7.75
CA GLN A 96 -8.47 8.02 -6.57
C GLN A 96 -9.28 8.86 -5.61
N PRO A 97 -10.59 9.02 -5.88
CA PRO A 97 -11.47 9.94 -5.17
C PRO A 97 -11.43 9.75 -3.65
N ASP A 98 -11.42 8.50 -3.19
CA ASP A 98 -11.46 8.23 -1.76
C ASP A 98 -10.24 8.82 -1.07
N ALA A 99 -9.13 8.92 -1.81
CA ALA A 99 -7.90 9.44 -1.28
C ALA A 99 -7.62 10.89 -1.71
N LYS A 100 -8.65 11.55 -2.24
CA LYS A 100 -8.61 12.96 -2.58
C LYS A 100 -7.69 13.26 -3.78
N ILE A 101 -7.49 12.25 -4.62
CA ILE A 101 -6.78 12.44 -5.88
C ILE A 101 -7.80 12.59 -7.03
N PRO A 102 -7.82 13.77 -7.67
CA PRO A 102 -8.85 14.00 -8.69
C PRO A 102 -8.53 13.34 -10.03
N PRO A 103 -9.47 13.42 -10.98
CA PRO A 103 -9.21 12.92 -12.32
C PRO A 103 -8.02 13.61 -12.98
N ASN A 104 -7.24 12.86 -13.75
CA ASN A 104 -6.17 13.40 -14.56
C ASN A 104 -5.17 14.23 -13.77
N ALA A 105 -4.77 13.71 -12.62
CA ALA A 105 -3.89 14.45 -11.72
C ALA A 105 -2.43 14.07 -11.88
N LYS A 106 -1.57 15.09 -11.96
CA LYS A 106 -0.14 14.90 -11.84
C LYS A 106 0.23 14.78 -10.37
N LEU A 107 0.93 13.71 -9.99
CA LEU A 107 1.30 13.50 -8.60
C LEU A 107 2.77 13.80 -8.37
N THR A 108 3.05 14.41 -7.23
CA THR A 108 4.42 14.66 -6.80
C THR A 108 4.74 13.78 -5.59
N PHE A 109 5.83 13.02 -5.65
CA PHE A 109 6.28 12.26 -4.49
C PHE A 109 7.72 12.59 -4.15
N GLU A 110 8.01 12.77 -2.86
CA GLU A 110 9.36 12.64 -2.38
C GLU A 110 9.52 11.20 -1.94
N VAL A 111 10.50 10.51 -2.51
CA VAL A 111 10.72 9.10 -2.22
C VAL A 111 12.13 8.86 -1.75
N GLU A 112 12.28 8.16 -0.63
CA GLU A 112 13.60 7.77 -0.16
C GLU A 112 13.71 6.26 -0.19
N LEU A 113 14.67 5.77 -0.96
CA LEU A 113 14.94 4.35 -1.08
C LEU A 113 15.86 3.94 0.06
N VAL A 114 15.29 3.25 1.05
CA VAL A 114 15.98 2.87 2.28
C VAL A 114 16.75 1.56 2.18
N ASP A 115 16.19 0.60 1.47
CA ASP A 115 16.82 -0.72 1.42
C ASP A 115 16.32 -1.51 0.22
N ILE A 116 17.12 -2.50 -0.20
CA ILE A 116 16.77 -3.44 -1.25
C ILE A 116 17.04 -4.84 -0.74
N ASP A 117 16.03 -5.70 -0.68
CA ASP A 117 16.20 -7.02 -0.10
C ASP A 117 17.08 -7.89 -0.96
N SER B 1 -7.46 -23.50 0.73
CA SER B 1 -6.68 -23.76 1.93
C SER B 1 -7.59 -23.69 3.16
N ILE B 2 -7.23 -24.43 4.21
CA ILE B 2 -7.95 -24.34 5.47
C ILE B 2 -7.05 -23.70 6.52
N LEU B 3 -5.86 -23.29 6.10
CA LEU B 3 -4.91 -22.62 7.00
C LEU B 3 -5.25 -21.14 7.08
N TRP B 4 -5.37 -20.64 8.31
CA TRP B 4 -5.81 -19.25 8.47
C TRP B 4 -4.81 -18.29 7.81
N HIS B 5 -3.52 -18.57 7.90
CA HIS B 5 -2.56 -17.61 7.35
C HIS B 5 -2.70 -17.57 5.82
N GLU B 6 -2.99 -18.70 5.20
CA GLU B 6 -3.16 -18.73 3.75
C GLU B 6 -4.49 -18.13 3.34
N MET B 7 -5.54 -18.41 4.10
CA MET B 7 -6.85 -17.83 3.81
C MET B 7 -6.79 -16.31 3.89
N TRP B 8 -6.16 -15.77 4.94
CA TRP B 8 -6.06 -14.32 5.08
C TRP B 8 -5.11 -13.74 4.04
N HIS B 9 -4.03 -14.44 3.71
CA HIS B 9 -3.07 -13.90 2.73
C HIS B 9 -3.76 -13.70 1.37
N GLU B 10 -4.45 -14.74 0.92
CA GLU B 10 -5.17 -14.68 -0.35
C GLU B 10 -6.29 -13.65 -0.32
N GLY B 11 -7.03 -13.63 0.79
CA GLY B 11 -8.17 -12.74 0.93
C GLY B 11 -7.79 -11.27 0.97
N LEU B 12 -6.70 -10.96 1.68
CA LEU B 12 -6.29 -9.57 1.81
C LEU B 12 -5.82 -9.06 0.45
N GLU B 13 -5.09 -9.90 -0.26
CA GLU B 13 -4.59 -9.51 -1.57
C GLU B 13 -5.75 -9.27 -2.53
N GLU B 14 -6.69 -10.21 -2.57
CA GLU B 14 -7.84 -10.07 -3.46
C GLU B 14 -8.75 -8.90 -3.06
N ALA B 15 -8.96 -8.71 -1.77
CA ALA B 15 -9.76 -7.59 -1.30
C ALA B 15 -9.12 -6.27 -1.74
N SER B 16 -7.80 -6.19 -1.65
CA SER B 16 -7.10 -4.97 -2.06
C SER B 16 -7.15 -4.76 -3.57
N ARG B 17 -7.13 -5.86 -4.33
CA ARG B 17 -7.26 -5.75 -5.78
C ARG B 17 -8.61 -5.17 -6.15
N LEU B 18 -9.65 -5.68 -5.49
CA LEU B 18 -11.00 -5.21 -5.74
C LEU B 18 -11.16 -3.76 -5.35
N TYR B 19 -10.63 -3.37 -4.19
CA TYR B 19 -10.78 -2.00 -3.74
C TYR B 19 -9.92 -1.01 -4.56
N PHE B 20 -8.61 -1.24 -4.59
CA PHE B 20 -7.69 -0.30 -5.26
C PHE B 20 -7.69 -0.46 -6.77
N GLY B 21 -7.82 -1.69 -7.24
CA GLY B 21 -7.77 -1.97 -8.67
C GLY B 21 -9.11 -1.72 -9.34
N GLU B 22 -10.13 -2.43 -8.89
CA GLU B 22 -11.46 -2.37 -9.50
C GLU B 22 -12.33 -1.25 -8.95
N ARG B 23 -11.89 -0.56 -7.90
CA ARG B 23 -12.69 0.50 -7.28
C ARG B 23 -14.04 -0.06 -6.87
N ASN B 24 -14.00 -1.19 -6.17
CA ASN B 24 -15.17 -2.00 -5.93
C ASN B 24 -15.26 -2.32 -4.46
N VAL B 25 -15.80 -1.40 -3.67
CA VAL B 25 -15.81 -1.59 -2.22
C VAL B 25 -16.80 -2.68 -1.83
N LYS B 26 -17.91 -2.79 -2.56
CA LYS B 26 -18.87 -3.86 -2.26
C LYS B 26 -18.22 -5.23 -2.40
N GLY B 27 -17.46 -5.42 -3.47
CA GLY B 27 -16.77 -6.66 -3.72
C GLY B 27 -15.70 -6.93 -2.67
N MET B 28 -14.95 -5.89 -2.32
CA MET B 28 -13.96 -5.97 -1.25
C MET B 28 -14.58 -6.53 0.05
N PHE B 29 -15.71 -5.95 0.45
CA PHE B 29 -16.35 -6.39 1.70
C PHE B 29 -16.81 -7.84 1.63
N GLU B 30 -17.29 -8.27 0.47
CA GLU B 30 -17.71 -9.66 0.33
C GLU B 30 -16.56 -10.65 0.51
N VAL B 31 -15.34 -10.23 0.19
CA VAL B 31 -14.17 -11.06 0.41
C VAL B 31 -13.74 -11.05 1.88
N LEU B 32 -13.78 -9.87 2.50
CA LEU B 32 -13.30 -9.72 3.88
C LEU B 32 -14.30 -10.24 4.92
N GLU B 33 -15.60 -10.04 4.65
CA GLU B 33 -16.65 -10.42 5.61
C GLU B 33 -16.54 -11.84 6.18
N PRO B 34 -16.43 -12.85 5.30
CA PRO B 34 -16.32 -14.25 5.71
C PRO B 34 -15.08 -14.50 6.57
N LEU B 35 -14.01 -13.79 6.26
CA LEU B 35 -12.78 -13.98 6.99
C LEU B 35 -12.91 -13.39 8.39
N HIS B 36 -13.47 -12.19 8.51
CA HIS B 36 -13.73 -11.65 9.84
C HIS B 36 -14.73 -12.50 10.61
N ALA B 37 -15.72 -13.05 9.91
CA ALA B 37 -16.71 -13.90 10.57
C ALA B 37 -16.05 -15.13 11.17
N MET B 38 -15.10 -15.69 10.42
CA MET B 38 -14.30 -16.82 10.89
C MET B 38 -13.59 -16.48 12.20
N MET B 39 -13.02 -15.29 12.26
CA MET B 39 -12.32 -14.84 13.47
C MET B 39 -13.29 -14.73 14.64
N GLU B 40 -14.52 -14.29 14.37
CA GLU B 40 -15.48 -14.05 15.42
C GLU B 40 -16.10 -15.36 15.93
N ARG B 41 -15.95 -16.43 15.15
CA ARG B 41 -16.26 -17.78 15.62
C ARG B 41 -15.20 -18.33 16.58
N GLY B 42 -14.00 -17.76 16.52
CA GLY B 42 -12.91 -18.11 17.42
C GLY B 42 -12.03 -19.25 16.93
N PRO B 43 -10.80 -19.31 17.45
CA PRO B 43 -9.85 -20.34 17.02
C PRO B 43 -10.23 -21.71 17.58
N GLN B 44 -10.00 -22.75 16.79
CA GLN B 44 -10.44 -24.11 17.15
C GLN B 44 -9.27 -25.09 17.16
N THR B 45 -8.08 -24.62 16.82
CA THR B 45 -6.88 -25.46 16.81
C THR B 45 -5.69 -24.69 17.37
N LEU B 46 -4.60 -25.41 17.64
CA LEU B 46 -3.36 -24.78 18.13
C LEU B 46 -2.89 -23.66 17.21
N LYS B 47 -2.89 -23.94 15.91
CA LYS B 47 -2.36 -22.98 14.95
C LYS B 47 -3.32 -21.81 14.77
N GLU B 48 -4.62 -22.08 14.75
CA GLU B 48 -5.60 -20.98 14.69
C GLU B 48 -5.45 -20.08 15.92
N THR B 49 -5.20 -20.69 17.07
CA THR B 49 -5.04 -19.95 18.32
C THR B 49 -3.80 -19.05 18.26
N SER B 50 -2.69 -19.59 17.77
CA SER B 50 -1.47 -18.82 17.63
C SER B 50 -1.65 -17.65 16.66
N PHE B 51 -2.37 -17.91 15.57
CA PHE B 51 -2.64 -16.88 14.57
C PHE B 51 -3.50 -15.76 15.18
N ASN B 52 -4.53 -16.16 15.91
CA ASN B 52 -5.40 -15.20 16.57
C ASN B 52 -4.64 -14.36 17.59
N GLN B 53 -3.75 -14.99 18.34
CA GLN B 53 -2.93 -14.26 19.32
C GLN B 53 -2.12 -13.19 18.60
N ALA B 54 -1.50 -13.56 17.48
CA ALA B 54 -0.62 -12.63 16.76
C ALA B 54 -1.36 -11.51 16.03
N TYR B 55 -2.47 -11.85 15.37
CA TYR B 55 -3.07 -10.96 14.38
C TYR B 55 -4.52 -10.59 14.63
N GLY B 56 -5.14 -11.23 15.60
CA GLY B 56 -6.58 -11.05 15.82
C GLY B 56 -6.95 -9.62 16.15
N ARG B 57 -6.18 -9.00 17.04
CA ARG B 57 -6.42 -7.61 17.41
C ARG B 57 -6.27 -6.67 16.20
N ASP B 58 -5.20 -6.83 15.45
CA ASP B 58 -4.96 -5.94 14.31
C ASP B 58 -6.07 -6.10 13.27
N LEU B 59 -6.51 -7.34 13.04
CA LEU B 59 -7.54 -7.58 12.03
C LEU B 59 -8.87 -7.00 12.49
N MET B 60 -9.21 -7.14 13.78
CA MET B 60 -10.49 -6.62 14.22
C MET B 60 -10.46 -5.09 14.18
N GLU B 61 -9.33 -4.50 14.55
CA GLU B 61 -9.18 -3.03 14.48
C GLU B 61 -9.22 -2.50 13.04
N ALA B 62 -8.63 -3.24 12.11
CA ALA B 62 -8.76 -2.87 10.69
C ALA B 62 -10.21 -2.76 10.28
N GLN B 63 -11.00 -3.76 10.66
CA GLN B 63 -12.42 -3.76 10.32
C GLN B 63 -13.14 -2.58 10.97
N GLU B 64 -12.76 -2.25 12.21
CA GLU B 64 -13.42 -1.15 12.90
C GLU B 64 -13.12 0.18 12.21
N TRP B 65 -11.86 0.39 11.83
CA TRP B 65 -11.51 1.61 11.10
C TRP B 65 -12.25 1.70 9.78
N ARG B 67 -15.18 0.34 9.02
CA ARG B 67 -16.57 0.68 9.32
C ARG B 67 -16.72 2.17 9.65
N LYS B 68 -15.74 2.70 10.38
CA LYS B 68 -15.71 4.13 10.66
C LYS B 68 -15.62 4.91 9.34
N TYR B 69 -14.73 4.48 8.46
CA TYR B 69 -14.57 5.15 7.18
C TYR B 69 -15.85 5.17 6.34
N MET B 70 -16.61 4.07 6.35
CA MET B 70 -17.78 3.98 5.50
C MET B 70 -18.85 5.00 5.93
N LYS B 71 -18.74 5.51 7.15
CA LYS B 71 -19.66 6.59 7.58
C LYS B 71 -19.01 7.97 7.56
N SER B 72 -17.68 8.05 7.68
CA SER B 72 -17.01 9.34 7.75
C SER B 72 -16.54 9.86 6.41
N GLY B 73 -16.17 8.95 5.52
CA GLY B 73 -15.53 9.32 4.27
C GLY B 73 -14.18 9.99 4.49
N ASN B 74 -13.66 9.87 5.70
CA ASN B 74 -12.40 10.52 6.06
C ASN B 74 -11.21 9.65 5.68
N VAL B 75 -10.34 10.15 4.81
CA VAL B 75 -9.21 9.37 4.30
C VAL B 75 -8.32 8.84 5.44
N LYS B 76 -8.28 9.56 6.56
CA LYS B 76 -7.52 9.13 7.72
C LYS B 76 -7.98 7.75 8.22
N ASP B 77 -9.29 7.55 8.28
CA ASP B 77 -9.85 6.27 8.70
C ASP B 77 -9.52 5.16 7.69
N LEU B 78 -9.68 5.48 6.41
CA LEU B 78 -9.35 4.56 5.32
C LEU B 78 -7.91 4.07 5.41
N THR B 79 -7.03 5.00 5.58
CA THR B 79 -5.64 4.67 5.59
C THR B 79 -5.21 3.86 6.83
N GLN B 80 -5.83 4.15 7.95
CA GLN B 80 -5.55 3.37 9.16
C GLN B 80 -6.02 1.92 8.99
N ALA B 81 -7.18 1.75 8.37
CA ALA B 81 -7.67 0.41 8.07
C ALA B 81 -6.67 -0.36 7.20
N TRP B 82 -6.27 0.23 6.09
CA TRP B 82 -5.39 -0.47 5.17
C TRP B 82 -3.99 -0.66 5.73
N ASP B 83 -3.51 0.28 6.55
CA ASP B 83 -2.22 0.10 7.21
C ASP B 83 -2.21 -1.17 8.06
N LEU B 84 -3.31 -1.43 8.75
CA LEU B 84 -3.39 -2.64 9.56
C LEU B 84 -3.51 -3.90 8.71
N TYR B 85 -4.36 -3.90 7.69
CA TYR B 85 -4.44 -5.05 6.80
C TYR B 85 -3.09 -5.35 6.12
N TYR B 86 -2.40 -4.29 5.68
CA TYR B 86 -1.08 -4.37 5.06
C TYR B 86 -0.06 -4.97 6.02
N HIS B 87 -0.11 -4.51 7.26
CA HIS B 87 0.77 -5.01 8.30
C HIS B 87 0.61 -6.52 8.48
N VAL B 88 -0.63 -6.98 8.66
CA VAL B 88 -0.89 -8.40 8.82
C VAL B 88 -0.46 -9.18 7.57
N PHE B 89 -0.80 -8.65 6.40
CA PHE B 89 -0.40 -9.29 5.16
C PHE B 89 1.12 -9.49 5.09
N ARG B 90 1.88 -8.47 5.48
CA ARG B 90 3.34 -8.56 5.40
C ARG B 90 3.91 -9.52 6.45
N ARG B 91 3.35 -9.49 7.66
CA ARG B 91 3.85 -10.37 8.73
C ARG B 91 3.59 -11.85 8.41
N ILE B 92 2.48 -12.16 7.74
CA ILE B 92 2.24 -13.54 7.34
C ILE B 92 2.87 -13.83 5.98
N SER B 93 3.54 -12.80 5.43
CA SER B 93 4.32 -12.87 4.20
C SER B 93 3.44 -12.82 2.97
#